data_4A04
#
_entry.id   4A04
#
_cell.length_a   71.420
_cell.length_b   92.740
_cell.length_c   101.020
_cell.angle_alpha   90.00
_cell.angle_beta   90.00
_cell.angle_gamma   90.00
#
_symmetry.space_group_name_H-M   'P 21 21 21'
#
loop_
_entity.id
_entity.type
_entity.pdbx_description
1 polymer 'T-BOX TRANSCRIPTION FACTOR TBX1'
2 polymer DNA
3 water water
#
loop_
_entity_poly.entity_id
_entity_poly.type
_entity_poly.pdbx_seq_one_letter_code
_entity_poly.pdbx_strand_id
1 'polypeptide(L)'
;MHHHHHHENLYFQGGVSVQLEMKALWDEFNQLGTEMIVTKAGRRMFPTFQVKLFGMDPMADYMLLMDFVPVDDKRYRYAF
HSSSWLVAGKADPATPGRVHYHPDSPAKGAQWMKQIVSFDKLKLTNNLLDDNGHIILNSMHRYQPRFHVVYVDPRKDSEK
YAEENFKTFVFEETRFTAVTAYQNHRITQLKIASNPFAKGFRD
;
A,B
2 'polydeoxyribonucleotide'
;(DA)(DA)(DT)(DT)(DT)(DC)(DA)(DC)(DA)(DC)(DC)(DT)(DA)(DG)(DG)(DT)(DG)(DT)(DG)(DA)
(DA)(DA)(DT)(DT)
;
D,E
#
loop_
_chem_comp.id
_chem_comp.type
_chem_comp.name
_chem_comp.formula
DA DNA linking 2'-DEOXYADENOSINE-5'-MONOPHOSPHATE 'C10 H14 N5 O6 P'
DC DNA linking 2'-DEOXYCYTIDINE-5'-MONOPHOSPHATE 'C9 H14 N3 O7 P'
DG DNA linking 2'-DEOXYGUANOSINE-5'-MONOPHOSPHATE 'C10 H14 N5 O7 P'
DT DNA linking THYMIDINE-5'-MONOPHOSPHATE 'C10 H15 N2 O8 P'
#
# COMPACT_ATOMS: atom_id res chain seq x y z
N GLY A 15 -5.36 -26.43 14.66
CA GLY A 15 -6.77 -26.21 14.37
C GLY A 15 -7.03 -25.10 13.37
N VAL A 16 -5.96 -24.56 12.74
CA VAL A 16 -6.06 -23.48 11.74
C VAL A 16 -6.44 -24.07 10.38
N SER A 17 -7.48 -23.49 9.75
CA SER A 17 -8.02 -23.90 8.44
C SER A 17 -7.82 -22.80 7.42
N VAL A 18 -7.43 -23.18 6.19
CA VAL A 18 -7.20 -22.24 5.10
C VAL A 18 -8.06 -22.65 3.89
N GLN A 19 -8.76 -21.66 3.31
CA GLN A 19 -9.63 -21.85 2.13
C GLN A 19 -9.05 -21.05 0.95
N LEU A 20 -8.70 -21.75 -0.14
CA LEU A 20 -8.17 -21.09 -1.34
C LEU A 20 -9.31 -20.40 -2.10
N GLU A 21 -9.19 -19.08 -2.30
CA GLU A 21 -10.18 -18.29 -3.02
C GLU A 21 -9.97 -18.50 -4.52
N MET A 22 -11.04 -18.34 -5.33
CA MET A 22 -11.05 -18.52 -6.79
C MET A 22 -10.62 -19.94 -7.18
N LYS A 23 -11.01 -20.94 -6.35
CA LYS A 23 -10.68 -22.36 -6.53
C LYS A 23 -11.05 -22.87 -7.92
N ALA A 24 -12.25 -22.52 -8.41
CA ALA A 24 -12.75 -22.91 -9.72
C ALA A 24 -11.83 -22.46 -10.86
N LEU A 25 -11.34 -21.20 -10.79
CA LEU A 25 -10.42 -20.64 -11.78
C LEU A 25 -9.05 -21.34 -11.74
N TRP A 26 -8.55 -21.69 -10.52
CA TRP A 26 -7.27 -22.40 -10.34
C TRP A 26 -7.34 -23.80 -10.95
N ASP A 27 -8.45 -24.53 -10.70
CA ASP A 27 -8.68 -25.88 -11.20
C ASP A 27 -8.85 -25.92 -12.71
N GLU A 28 -9.44 -24.85 -13.30
CA GLU A 28 -9.64 -24.74 -14.74
C GLU A 28 -8.28 -24.61 -15.43
N PHE A 29 -7.37 -23.81 -14.83
CA PHE A 29 -6.01 -23.59 -15.31
C PHE A 29 -5.18 -24.86 -15.16
N ASN A 30 -5.28 -25.53 -13.98
CA ASN A 30 -4.54 -26.75 -13.66
C ASN A 30 -4.82 -27.89 -14.61
N GLN A 31 -6.08 -28.02 -15.09
CA GLN A 31 -6.52 -29.04 -16.03
C GLN A 31 -5.82 -28.86 -17.38
N LEU A 32 -5.54 -27.60 -17.75
CA LEU A 32 -4.83 -27.23 -18.99
C LEU A 32 -3.30 -27.26 -18.79
N GLY A 33 -2.86 -27.18 -17.54
CA GLY A 33 -1.44 -27.16 -17.17
C GLY A 33 -1.00 -25.72 -17.05
N THR A 34 -1.20 -25.13 -15.86
CA THR A 34 -0.93 -23.72 -15.54
C THR A 34 0.46 -23.25 -15.93
N GLU A 35 0.51 -22.05 -16.51
CA GLU A 35 1.72 -21.40 -16.95
C GLU A 35 1.75 -20.00 -16.39
N MET A 36 2.90 -19.59 -15.86
CA MET A 36 3.07 -18.23 -15.34
C MET A 36 4.21 -17.54 -16.09
N ILE A 37 3.95 -16.32 -16.57
CA ILE A 37 4.98 -15.52 -17.23
C ILE A 37 5.97 -15.04 -16.18
N VAL A 38 7.24 -15.03 -16.59
CA VAL A 38 8.38 -14.65 -15.79
C VAL A 38 9.21 -13.64 -16.63
N THR A 39 9.46 -12.44 -16.09
CA THR A 39 10.23 -11.39 -16.79
C THR A 39 11.32 -10.83 -15.88
N LYS A 40 12.27 -10.09 -16.45
CA LYS A 40 13.36 -9.44 -15.73
C LYS A 40 12.82 -8.47 -14.64
N ALA A 41 11.86 -7.60 -15.00
CA ALA A 41 11.25 -6.59 -14.15
C ALA A 41 10.37 -7.16 -13.04
N GLY A 42 9.77 -8.33 -13.28
CA GLY A 42 8.90 -8.99 -12.32
C GLY A 42 7.46 -8.98 -12.78
N ARG A 43 6.85 -10.17 -12.82
CA ARG A 43 5.49 -10.35 -13.30
C ARG A 43 4.58 -10.89 -12.21
N ARG A 44 3.37 -10.32 -12.12
CA ARG A 44 2.34 -10.75 -11.17
C ARG A 44 1.85 -12.12 -11.58
N MET A 45 1.45 -12.95 -10.61
CA MET A 45 0.87 -14.26 -10.89
C MET A 45 -0.55 -14.06 -11.33
N PHE A 46 -1.03 -14.91 -12.25
CA PHE A 46 -2.42 -14.94 -12.61
C PHE A 46 -2.94 -16.37 -12.76
N PRO A 47 -3.92 -16.78 -11.94
CA PRO A 47 -4.60 -16.00 -10.90
C PRO A 47 -3.76 -15.66 -9.68
N THR A 48 -4.19 -14.65 -8.93
CA THR A 48 -3.55 -14.16 -7.71
C THR A 48 -3.83 -15.19 -6.62
N PHE A 49 -2.83 -15.49 -5.78
CA PHE A 49 -2.98 -16.41 -4.67
C PHE A 49 -3.72 -15.68 -3.55
N GLN A 50 -4.97 -16.08 -3.31
CA GLN A 50 -5.85 -15.47 -2.29
C GLN A 50 -6.40 -16.54 -1.37
N VAL A 51 -6.36 -16.29 -0.06
CA VAL A 51 -6.83 -17.26 0.95
C VAL A 51 -7.76 -16.65 2.02
N LYS A 52 -8.56 -17.52 2.67
CA LYS A 52 -9.46 -17.19 3.76
C LYS A 52 -8.97 -17.97 4.99
N LEU A 53 -8.83 -17.29 6.13
CA LEU A 53 -8.31 -17.88 7.37
C LEU A 53 -9.41 -18.24 8.37
N PHE A 54 -9.26 -19.40 9.05
CA PHE A 54 -10.20 -19.92 10.06
C PHE A 54 -9.47 -20.61 11.21
N GLY A 55 -10.10 -20.60 12.39
CA GLY A 55 -9.60 -21.27 13.59
C GLY A 55 -8.36 -20.68 14.24
N MET A 56 -8.08 -19.38 14.00
CA MET A 56 -6.95 -18.67 14.62
C MET A 56 -7.39 -18.07 15.95
N ASP A 57 -6.44 -17.83 16.86
CA ASP A 57 -6.72 -17.18 18.14
C ASP A 57 -6.73 -15.65 17.88
N PRO A 58 -7.88 -14.96 18.11
CA PRO A 58 -7.94 -13.52 17.81
C PRO A 58 -6.94 -12.59 18.51
N MET A 59 -6.43 -12.99 19.70
CA MET A 59 -5.47 -12.19 20.47
C MET A 59 -4.01 -12.49 20.10
N ALA A 60 -3.75 -13.67 19.54
CA ALA A 60 -2.41 -14.13 19.15
C ALA A 60 -1.91 -13.44 17.89
N ASP A 61 -0.60 -13.15 17.85
CA ASP A 61 0.05 -12.55 16.70
C ASP A 61 0.52 -13.66 15.76
N TYR A 62 0.34 -13.46 14.44
CA TYR A 62 0.74 -14.44 13.42
C TYR A 62 1.53 -13.81 12.28
N MET A 63 2.44 -14.60 11.69
CA MET A 63 3.21 -14.20 10.52
C MET A 63 2.74 -15.04 9.36
N LEU A 64 2.37 -14.40 8.25
CA LEU A 64 1.91 -15.08 7.04
C LEU A 64 2.95 -15.02 5.93
N LEU A 65 3.31 -16.19 5.38
CA LEU A 65 4.36 -16.34 4.38
C LEU A 65 3.94 -17.06 3.12
N MET A 66 4.72 -16.85 2.06
CA MET A 66 4.59 -17.46 0.75
C MET A 66 5.98 -17.89 0.30
N ASP A 67 6.08 -19.10 -0.23
CA ASP A 67 7.34 -19.64 -0.75
C ASP A 67 7.03 -20.55 -1.94
N PHE A 68 8.05 -20.77 -2.79
CA PHE A 68 7.92 -21.57 -4.00
C PHE A 68 8.94 -22.68 -3.98
N VAL A 69 8.46 -23.89 -4.14
CA VAL A 69 9.25 -25.12 -4.09
C VAL A 69 9.19 -25.85 -5.43
N PRO A 70 10.33 -26.38 -5.95
CA PRO A 70 10.25 -27.10 -7.24
C PRO A 70 9.49 -28.43 -7.10
N VAL A 71 8.64 -28.75 -8.09
CA VAL A 71 7.81 -29.96 -8.12
C VAL A 71 8.68 -31.21 -8.34
N ASP A 72 9.59 -31.16 -9.32
CA ASP A 72 10.51 -32.24 -9.70
C ASP A 72 11.84 -31.65 -10.15
N ASP A 73 12.86 -32.51 -10.36
CA ASP A 73 14.16 -32.04 -10.85
C ASP A 73 14.36 -32.30 -12.34
N LYS A 74 13.42 -31.77 -13.15
CA LYS A 74 13.41 -31.91 -14.60
C LYS A 74 13.11 -30.58 -15.29
N ARG A 75 13.67 -30.40 -16.50
CA ARG A 75 13.43 -29.23 -17.36
C ARG A 75 12.37 -29.67 -18.39
N TYR A 76 11.40 -28.80 -18.65
CA TYR A 76 10.31 -29.13 -19.57
C TYR A 76 10.34 -28.44 -20.91
N ARG A 77 9.71 -29.06 -21.90
CA ARG A 77 9.63 -28.61 -23.27
C ARG A 77 8.21 -28.85 -23.77
N TYR A 78 7.64 -27.89 -24.50
CA TYR A 78 6.28 -28.04 -25.01
C TYR A 78 6.33 -28.44 -26.49
N ALA A 79 5.68 -29.57 -26.81
CA ALA A 79 5.59 -30.10 -28.17
C ALA A 79 4.26 -29.67 -28.78
N PHE A 80 4.31 -28.73 -29.74
CA PHE A 80 3.13 -28.16 -30.41
C PHE A 80 2.36 -29.17 -31.27
N HIS A 81 3.06 -30.19 -31.80
CA HIS A 81 2.49 -31.26 -32.63
C HIS A 81 1.51 -32.14 -31.83
N SER A 82 1.89 -32.52 -30.60
CA SER A 82 1.07 -33.36 -29.71
C SER A 82 0.33 -32.55 -28.63
N SER A 83 0.63 -31.22 -28.53
CA SER A 83 0.07 -30.26 -27.56
C SER A 83 0.17 -30.77 -26.11
N SER A 84 1.41 -31.12 -25.70
CA SER A 84 1.73 -31.65 -24.36
C SER A 84 3.15 -31.30 -23.92
N TRP A 85 3.38 -31.34 -22.60
CA TRP A 85 4.68 -31.07 -21.99
C TRP A 85 5.50 -32.34 -21.92
N LEU A 86 6.80 -32.24 -22.24
CA LEU A 86 7.74 -33.37 -22.22
C LEU A 86 9.02 -32.99 -21.49
N VAL A 87 9.74 -33.97 -20.93
CA VAL A 87 11.00 -33.73 -20.23
C VAL A 87 12.08 -33.42 -21.28
N ALA A 88 12.67 -32.21 -21.20
CA ALA A 88 13.73 -31.75 -22.10
C ALA A 88 15.08 -32.31 -21.60
N GLY A 89 15.31 -32.20 -20.29
CA GLY A 89 16.51 -32.68 -19.63
C GLY A 89 16.49 -32.51 -18.13
N LYS A 90 17.68 -32.41 -17.52
CA LYS A 90 17.81 -32.23 -16.08
C LYS A 90 17.57 -30.78 -15.70
N ALA A 91 17.03 -30.54 -14.50
CA ALA A 91 16.73 -29.20 -13.99
C ALA A 91 17.98 -28.37 -13.79
N ASP A 92 17.83 -27.04 -13.96
CA ASP A 92 18.86 -26.03 -13.77
C ASP A 92 19.16 -25.92 -12.27
N PRO A 93 20.33 -25.38 -11.84
CA PRO A 93 20.57 -25.25 -10.39
C PRO A 93 19.54 -24.33 -9.72
N ALA A 94 19.21 -24.60 -8.45
CA ALA A 94 18.25 -23.83 -7.67
C ALA A 94 18.55 -22.33 -7.68
N THR A 95 17.48 -21.52 -7.70
CA THR A 95 17.59 -20.06 -7.70
C THR A 95 17.87 -19.53 -6.29
N PRO A 96 18.46 -18.31 -6.14
CA PRO A 96 18.67 -17.77 -4.78
C PRO A 96 17.33 -17.50 -4.07
N GLY A 97 17.07 -18.27 -3.03
CA GLY A 97 15.84 -18.11 -2.25
C GLY A 97 16.00 -17.09 -1.16
N ARG A 98 14.87 -16.44 -0.78
CA ARG A 98 14.79 -15.44 0.31
C ARG A 98 13.48 -15.60 1.09
N VAL A 99 13.39 -15.00 2.29
CA VAL A 99 12.18 -15.09 3.14
C VAL A 99 11.13 -14.08 2.64
N HIS A 100 9.91 -14.58 2.28
CA HIS A 100 8.82 -13.73 1.77
C HIS A 100 7.61 -13.67 2.71
N TYR A 101 7.39 -12.49 3.33
CA TYR A 101 6.29 -12.27 4.26
C TYR A 101 5.20 -11.41 3.61
N HIS A 102 3.93 -11.59 4.04
CA HIS A 102 2.81 -10.77 3.59
C HIS A 102 3.10 -9.34 4.10
N PRO A 103 2.85 -8.29 3.28
CA PRO A 103 3.14 -6.91 3.75
C PRO A 103 2.60 -6.53 5.14
N ASP A 104 1.42 -7.08 5.53
CA ASP A 104 0.77 -6.80 6.81
C ASP A 104 1.30 -7.63 8.00
N SER A 105 2.22 -8.57 7.73
CA SER A 105 2.81 -9.45 8.74
C SER A 105 3.90 -8.75 9.58
N PRO A 106 3.90 -8.87 10.94
CA PRO A 106 2.95 -9.62 11.78
C PRO A 106 1.67 -8.84 12.10
N ALA A 107 0.59 -9.57 12.41
CA ALA A 107 -0.73 -9.04 12.75
C ALA A 107 -1.50 -10.03 13.62
N LYS A 108 -2.50 -9.56 14.36
CA LYS A 108 -3.33 -10.39 15.24
C LYS A 108 -4.21 -11.35 14.44
N GLY A 109 -4.61 -12.45 15.08
CA GLY A 109 -5.46 -13.49 14.49
C GLY A 109 -6.80 -12.95 13.99
N ALA A 110 -7.39 -12.00 14.73
CA ALA A 110 -8.65 -11.33 14.39
C ALA A 110 -8.51 -10.50 13.10
N GLN A 111 -7.34 -9.89 12.88
CA GLN A 111 -7.04 -9.08 11.68
C GLN A 111 -6.94 -9.93 10.41
N TRP A 112 -6.33 -11.13 10.52
CA TRP A 112 -6.16 -12.05 9.38
C TRP A 112 -7.48 -12.69 8.97
N MET A 113 -8.32 -13.07 9.95
CA MET A 113 -9.62 -13.71 9.74
C MET A 113 -10.71 -12.74 9.27
N LYS A 114 -10.50 -11.42 9.51
CA LYS A 114 -11.39 -10.29 9.18
C LYS A 114 -11.81 -10.23 7.70
N GLN A 115 -10.83 -10.38 6.79
CA GLN A 115 -11.04 -10.34 5.35
C GLN A 115 -10.12 -11.33 4.63
N ILE A 116 -10.34 -11.55 3.32
CA ILE A 116 -9.51 -12.45 2.53
C ILE A 116 -8.07 -11.90 2.43
N VAL A 117 -7.09 -12.79 2.62
CA VAL A 117 -5.68 -12.44 2.57
C VAL A 117 -5.18 -12.68 1.12
N SER A 118 -4.61 -11.65 0.49
CA SER A 118 -4.11 -11.75 -0.87
C SER A 118 -2.65 -11.39 -1.03
N PHE A 119 -1.98 -12.10 -1.95
CA PHE A 119 -0.58 -11.89 -2.32
C PHE A 119 -0.58 -11.38 -3.78
N ASP A 120 -1.18 -10.19 -3.98
CA ASP A 120 -1.33 -9.50 -5.27
C ASP A 120 -0.09 -8.71 -5.67
N LYS A 121 0.67 -8.19 -4.69
CA LYS A 121 1.89 -7.44 -4.96
C LYS A 121 3.11 -8.38 -5.15
N LEU A 122 2.84 -9.69 -5.27
CA LEU A 122 3.83 -10.74 -5.45
C LEU A 122 4.23 -10.88 -6.93
N LYS A 123 5.54 -10.70 -7.21
CA LYS A 123 6.11 -10.76 -8.56
C LYS A 123 7.15 -11.86 -8.75
N LEU A 124 7.06 -12.56 -9.89
CA LEU A 124 7.97 -13.63 -10.32
C LEU A 124 8.95 -13.08 -11.35
N THR A 125 10.23 -13.44 -11.21
CA THR A 125 11.32 -13.02 -12.10
C THR A 125 12.27 -14.19 -12.45
N ASN A 126 12.97 -14.10 -13.59
CA ASN A 126 13.97 -15.10 -13.97
C ASN A 126 15.40 -14.58 -13.74
N ASN A 127 15.51 -13.30 -13.28
CA ASN A 127 16.78 -12.64 -13.02
C ASN A 127 17.39 -13.11 -11.70
N LEU A 128 18.53 -13.81 -11.78
CA LEU A 128 19.25 -14.35 -10.62
C LEU A 128 19.87 -13.27 -9.74
N LEU A 129 20.11 -12.07 -10.32
CA LEU A 129 20.71 -10.93 -9.63
C LEU A 129 19.71 -9.92 -9.07
N ASP A 130 18.39 -10.24 -9.11
CA ASP A 130 17.30 -9.40 -8.61
C ASP A 130 17.46 -9.01 -7.14
N ASP A 131 17.19 -7.73 -6.81
CA ASP A 131 17.25 -7.19 -5.45
C ASP A 131 15.98 -6.47 -5.02
N ASN A 132 14.87 -6.66 -5.76
CA ASN A 132 13.58 -6.01 -5.49
C ASN A 132 12.62 -6.86 -4.63
N GLY A 133 13.15 -7.92 -4.02
CA GLY A 133 12.38 -8.84 -3.17
C GLY A 133 11.42 -9.74 -3.91
N HIS A 134 11.55 -9.84 -5.24
CA HIS A 134 10.68 -10.68 -6.07
C HIS A 134 11.17 -12.15 -6.04
N ILE A 135 10.27 -13.10 -6.33
CA ILE A 135 10.60 -14.52 -6.35
C ILE A 135 11.35 -14.88 -7.61
N ILE A 136 12.56 -15.45 -7.46
CA ILE A 136 13.37 -15.87 -8.59
C ILE A 136 13.04 -17.32 -8.94
N LEU A 137 12.73 -17.57 -10.22
CA LEU A 137 12.37 -18.88 -10.74
C LEU A 137 13.07 -19.14 -12.06
N ASN A 138 13.27 -20.43 -12.40
CA ASN A 138 13.85 -20.82 -13.68
C ASN A 138 12.77 -21.14 -14.70
N SER A 139 12.86 -20.53 -15.88
CA SER A 139 11.93 -20.75 -16.98
C SER A 139 11.97 -22.22 -17.40
N MET A 140 10.80 -22.78 -17.74
CA MET A 140 10.58 -24.17 -18.17
C MET A 140 10.71 -25.20 -17.03
N HIS A 141 10.49 -24.75 -15.78
CA HIS A 141 10.51 -25.60 -14.58
C HIS A 141 9.18 -25.53 -13.86
N ARG A 142 8.79 -26.65 -13.21
CA ARG A 142 7.53 -26.79 -12.47
C ARG A 142 7.67 -26.37 -11.02
N TYR A 143 6.81 -25.44 -10.55
CA TYR A 143 6.86 -24.93 -9.18
C TYR A 143 5.58 -25.14 -8.42
N GLN A 144 5.72 -25.29 -7.10
CA GLN A 144 4.60 -25.50 -6.19
C GLN A 144 4.54 -24.36 -5.16
N PRO A 145 3.55 -23.45 -5.28
CA PRO A 145 3.41 -22.37 -4.28
C PRO A 145 2.94 -22.96 -2.95
N ARG A 146 3.57 -22.54 -1.86
CA ARG A 146 3.21 -23.01 -0.52
C ARG A 146 2.89 -21.82 0.36
N PHE A 147 1.90 -21.98 1.24
CA PHE A 147 1.45 -20.94 2.15
C PHE A 147 1.74 -21.32 3.60
N HIS A 148 2.35 -20.40 4.37
CA HIS A 148 2.70 -20.68 5.77
C HIS A 148 2.07 -19.72 6.77
N VAL A 149 1.56 -20.28 7.88
CA VAL A 149 0.98 -19.59 9.03
C VAL A 149 1.92 -19.88 10.21
N VAL A 150 2.53 -18.83 10.79
CA VAL A 150 3.48 -18.96 11.91
C VAL A 150 3.01 -18.17 13.13
N TYR A 151 2.80 -18.87 14.27
CA TYR A 151 2.38 -18.31 15.56
C TYR A 151 3.57 -17.62 16.25
N VAL A 152 3.46 -16.30 16.49
CA VAL A 152 4.51 -15.50 17.12
C VAL A 152 4.52 -15.72 18.63
N ASP A 153 5.64 -16.27 19.13
CA ASP A 153 5.89 -16.57 20.53
C ASP A 153 6.89 -15.54 21.09
N PRO A 154 6.69 -15.02 22.33
CA PRO A 154 7.65 -14.04 22.89
C PRO A 154 9.11 -14.50 22.93
N ARG A 155 9.36 -15.76 23.35
CA ARG A 155 10.70 -16.33 23.42
C ARG A 155 10.72 -17.76 22.89
N GLU A 164 3.47 -27.90 16.67
CA GLU A 164 4.38 -26.83 16.26
C GLU A 164 3.61 -25.57 15.82
N ASN A 165 4.25 -24.39 16.01
CA ASN A 165 3.73 -23.07 15.64
C ASN A 165 3.78 -22.83 14.12
N PHE A 166 4.63 -23.61 13.39
CA PHE A 166 4.83 -23.49 11.95
C PHE A 166 3.92 -24.45 11.17
N LYS A 167 2.93 -23.90 10.44
CA LYS A 167 2.01 -24.68 9.62
C LYS A 167 2.17 -24.35 8.13
N THR A 168 2.11 -25.38 7.28
CA THR A 168 2.27 -25.25 5.83
C THR A 168 1.02 -25.78 5.13
N PHE A 169 0.47 -24.98 4.21
CA PHE A 169 -0.71 -25.29 3.41
C PHE A 169 -0.31 -25.32 1.94
N VAL A 170 -0.42 -26.51 1.33
CA VAL A 170 -0.07 -26.75 -0.05
C VAL A 170 -1.33 -27.10 -0.84
N PHE A 171 -1.67 -26.26 -1.82
CA PHE A 171 -2.81 -26.48 -2.69
C PHE A 171 -2.27 -26.99 -4.01
N GLU A 172 -2.46 -28.29 -4.31
CA GLU A 172 -1.98 -28.93 -5.54
C GLU A 172 -2.41 -28.23 -6.83
N GLU A 173 -3.62 -27.63 -6.86
CA GLU A 173 -4.17 -26.91 -8.02
C GLU A 173 -3.42 -25.59 -8.38
N THR A 174 -2.57 -25.09 -7.47
CA THR A 174 -1.79 -23.87 -7.68
C THR A 174 -0.43 -24.12 -8.38
N ARG A 175 -0.07 -25.40 -8.62
CA ARG A 175 1.20 -25.73 -9.30
C ARG A 175 1.22 -25.27 -10.75
N PHE A 176 2.35 -24.69 -11.17
CA PHE A 176 2.51 -24.12 -12.50
C PHE A 176 3.90 -24.33 -13.09
N THR A 177 4.02 -24.07 -14.40
CA THR A 177 5.28 -24.12 -15.15
C THR A 177 5.66 -22.66 -15.44
N ALA A 178 6.84 -22.21 -14.97
CA ALA A 178 7.29 -20.85 -15.21
C ALA A 178 7.76 -20.73 -16.67
N VAL A 179 7.24 -19.73 -17.40
CA VAL A 179 7.57 -19.53 -18.83
C VAL A 179 7.92 -18.06 -19.12
N THR A 180 8.61 -17.79 -20.25
CA THR A 180 8.89 -16.42 -20.69
C THR A 180 7.82 -15.98 -21.68
N ALA A 181 7.16 -16.94 -22.33
CA ALA A 181 6.06 -16.75 -23.28
C ALA A 181 5.19 -17.98 -23.19
N TYR A 182 3.87 -17.80 -23.35
CA TYR A 182 2.92 -18.92 -23.28
C TYR A 182 3.14 -19.93 -24.39
N GLN A 183 3.02 -21.21 -24.03
CA GLN A 183 3.22 -22.33 -24.95
C GLN A 183 1.87 -22.86 -25.42
N ASN A 184 0.98 -23.20 -24.45
CA ASN A 184 -0.36 -23.69 -24.71
C ASN A 184 -1.25 -22.49 -25.03
N HIS A 185 -1.81 -22.43 -26.26
CA HIS A 185 -2.68 -21.34 -26.67
C HIS A 185 -3.97 -21.26 -25.85
N ARG A 186 -4.40 -22.42 -25.28
CA ARG A 186 -5.58 -22.54 -24.41
C ARG A 186 -5.38 -21.76 -23.11
N ILE A 187 -4.12 -21.72 -22.57
CA ILE A 187 -3.75 -20.98 -21.38
C ILE A 187 -3.91 -19.48 -21.65
N THR A 188 -3.34 -18.99 -22.78
CA THR A 188 -3.43 -17.58 -23.23
C THR A 188 -4.89 -17.14 -23.31
N GLN A 189 -5.76 -17.99 -23.90
CA GLN A 189 -7.20 -17.78 -24.07
C GLN A 189 -7.89 -17.56 -22.73
N LEU A 190 -7.54 -18.37 -21.71
CA LEU A 190 -8.09 -18.29 -20.36
C LEU A 190 -7.59 -17.05 -19.62
N LYS A 191 -6.28 -16.71 -19.76
CA LYS A 191 -5.65 -15.53 -19.18
C LYS A 191 -6.34 -14.28 -19.72
N ILE A 192 -6.56 -14.21 -21.06
CA ILE A 192 -7.23 -13.09 -21.73
C ILE A 192 -8.68 -12.94 -21.24
N ALA A 193 -9.43 -14.06 -21.19
CA ALA A 193 -10.84 -14.12 -20.77
C ALA A 193 -11.10 -13.82 -19.29
N SER A 194 -10.14 -14.12 -18.39
CA SER A 194 -10.34 -13.92 -16.96
C SER A 194 -9.58 -12.75 -16.30
N ASN A 195 -8.42 -12.33 -16.87
CA ASN A 195 -7.65 -11.22 -16.32
C ASN A 195 -8.14 -9.89 -16.89
N PRO A 196 -8.61 -8.94 -16.04
CA PRO A 196 -9.13 -7.66 -16.56
C PRO A 196 -8.10 -6.83 -17.34
N PHE A 197 -6.81 -6.91 -16.97
CA PHE A 197 -5.75 -6.16 -17.67
C PHE A 197 -5.53 -6.62 -19.13
N ALA A 198 -6.03 -7.81 -19.50
CA ALA A 198 -5.95 -8.37 -20.84
C ALA A 198 -7.27 -8.26 -21.61
N LYS A 199 -8.14 -7.31 -21.20
CA LYS A 199 -9.45 -7.06 -21.83
C LYS A 199 -9.36 -6.56 -23.28
N GLY A 200 -8.28 -5.83 -23.59
CA GLY A 200 -8.02 -5.30 -24.92
C GLY A 200 -7.76 -6.33 -26.00
N PHE A 201 -7.52 -7.60 -25.58
CA PHE A 201 -7.29 -8.74 -26.47
C PHE A 201 -8.54 -9.62 -26.67
N ARG A 202 -9.63 -9.35 -25.93
CA ARG A 202 -10.90 -10.08 -26.04
C ARG A 202 -11.59 -9.84 -27.40
N ASP A 203 -12.32 -10.87 -27.88
CA ASP A 203 -13.04 -10.94 -29.18
C ASP A 203 -12.08 -11.13 -30.34
N GLY B 14 13.81 13.40 23.48
CA GLY B 14 13.32 14.30 22.46
C GLY B 14 14.38 14.76 21.48
N GLY B 15 15.15 13.79 20.97
CA GLY B 15 16.22 14.02 19.99
C GLY B 15 15.83 13.72 18.56
N VAL B 16 14.52 13.50 18.29
CA VAL B 16 13.99 13.22 16.96
C VAL B 16 13.86 14.52 16.16
N SER B 17 14.40 14.53 14.93
CA SER B 17 14.39 15.66 14.00
C SER B 17 13.59 15.34 12.76
N VAL B 18 12.78 16.31 12.30
CA VAL B 18 11.94 16.16 11.10
C VAL B 18 12.24 17.27 10.10
N GLN B 19 12.42 16.89 8.82
CA GLN B 19 12.70 17.81 7.71
C GLN B 19 11.53 17.75 6.71
N LEU B 20 10.86 18.89 6.48
CA LEU B 20 9.75 18.98 5.52
C LEU B 20 10.29 18.99 4.09
N GLU B 21 9.86 18.00 3.29
CA GLU B 21 10.28 17.89 1.89
C GLU B 21 9.44 18.85 1.05
N MET B 22 9.99 19.30 -0.09
CA MET B 22 9.35 20.25 -1.03
C MET B 22 9.01 21.58 -0.33
N LYS B 23 9.88 22.01 0.60
CA LYS B 23 9.73 23.23 1.38
C LYS B 23 9.49 24.46 0.51
N ALA B 24 10.25 24.60 -0.60
CA ALA B 24 10.15 25.70 -1.56
C ALA B 24 8.75 25.80 -2.17
N LEU B 25 8.15 24.65 -2.53
CA LEU B 25 6.80 24.59 -3.10
C LEU B 25 5.73 24.97 -2.07
N TRP B 26 5.91 24.54 -0.79
CA TRP B 26 5.00 24.87 0.32
C TRP B 26 5.01 26.37 0.59
N ASP B 27 6.20 26.99 0.64
CA ASP B 27 6.39 28.42 0.89
C ASP B 27 5.85 29.28 -0.25
N GLU B 28 5.92 28.78 -1.50
CA GLU B 28 5.40 29.49 -2.67
C GLU B 28 3.87 29.56 -2.59
N PHE B 29 3.23 28.46 -2.16
CA PHE B 29 1.80 28.35 -1.98
C PHE B 29 1.34 29.22 -0.80
N ASN B 30 2.08 29.16 0.34
CA ASN B 30 1.78 29.91 1.57
C ASN B 30 1.78 31.42 1.35
N GLN B 31 2.67 31.93 0.49
CA GLN B 31 2.78 33.36 0.17
C GLN B 31 1.51 33.84 -0.54
N LEU B 32 0.88 32.95 -1.34
CA LEU B 32 -0.36 33.22 -2.07
C LEU B 32 -1.57 33.01 -1.18
N GLY B 33 -1.42 32.13 -0.18
CA GLY B 33 -2.47 31.73 0.73
C GLY B 33 -3.05 30.43 0.25
N THR B 34 -2.44 29.31 0.70
CA THR B 34 -2.80 27.96 0.29
C THR B 34 -4.27 27.64 0.47
N GLU B 35 -4.83 26.99 -0.56
CA GLU B 35 -6.19 26.50 -0.61
C GLU B 35 -6.11 25.02 -0.92
N MET B 36 -6.99 24.21 -0.29
CA MET B 36 -7.05 22.77 -0.51
C MET B 36 -8.47 22.37 -0.83
N ILE B 37 -8.69 21.73 -1.98
CA ILE B 37 -10.02 21.25 -2.37
C ILE B 37 -10.49 20.16 -1.40
N VAL B 38 -11.77 20.21 -1.06
CA VAL B 38 -12.42 19.27 -0.16
C VAL B 38 -13.70 18.78 -0.89
N THR B 39 -13.96 17.45 -0.94
CA THR B 39 -15.14 16.86 -1.63
C THR B 39 -15.83 15.79 -0.75
N LYS B 40 -17.03 15.31 -1.13
CA LYS B 40 -17.76 14.26 -0.38
C LYS B 40 -16.99 12.93 -0.37
N ALA B 41 -16.46 12.51 -1.53
CA ALA B 41 -15.69 11.28 -1.69
C ALA B 41 -14.30 11.31 -1.02
N GLY B 42 -13.69 12.50 -0.96
CA GLY B 42 -12.37 12.70 -0.39
C GLY B 42 -11.37 13.16 -1.43
N ARG B 43 -10.58 14.18 -1.09
CA ARG B 43 -9.57 14.76 -1.98
C ARG B 43 -8.18 14.72 -1.35
N ARG B 44 -7.19 14.32 -2.15
CA ARG B 44 -5.78 14.30 -1.75
C ARG B 44 -5.29 15.72 -1.56
N MET B 45 -4.34 15.95 -0.65
CA MET B 45 -3.78 17.30 -0.52
C MET B 45 -2.76 17.50 -1.62
N PHE B 46 -2.59 18.75 -2.08
CA PHE B 46 -1.53 19.12 -2.98
C PHE B 46 -0.98 20.48 -2.56
N PRO B 47 0.32 20.58 -2.25
CA PRO B 47 1.33 19.51 -2.25
C PRO B 47 1.09 18.44 -1.18
N THR B 48 1.63 17.25 -1.42
CA THR B 48 1.57 16.10 -0.52
C THR B 48 2.50 16.42 0.65
N PHE B 49 2.07 16.09 1.87
CA PHE B 49 2.87 16.29 3.06
C PHE B 49 3.93 15.18 3.10
N GLN B 50 5.20 15.55 2.88
CA GLN B 50 6.33 14.62 2.84
C GLN B 50 7.41 15.05 3.82
N VAL B 51 7.92 14.09 4.62
CA VAL B 51 8.94 14.38 5.63
C VAL B 51 10.12 13.40 5.61
N LYS B 52 11.25 13.85 6.19
CA LYS B 52 12.49 13.07 6.36
C LYS B 52 12.71 12.94 7.86
N LEU B 53 12.96 11.71 8.35
CA LEU B 53 13.13 11.42 9.79
C LEU B 53 14.61 11.28 10.19
N PHE B 54 14.97 11.81 11.38
CA PHE B 54 16.33 11.77 11.94
C PHE B 54 16.29 11.58 13.47
N GLY B 55 17.35 10.98 14.01
CA GLY B 55 17.52 10.76 15.44
C GLY B 55 16.60 9.76 16.12
N MET B 56 16.03 8.81 15.37
CA MET B 56 15.16 7.77 15.92
C MET B 56 16.02 6.57 16.32
N ASP B 57 15.51 5.73 17.25
CA ASP B 57 16.19 4.51 17.67
C ASP B 57 15.84 3.42 16.64
N PRO B 58 16.84 2.87 15.91
CA PRO B 58 16.55 1.87 14.85
C PRO B 58 15.80 0.61 15.27
N MET B 59 15.91 0.19 16.55
CA MET B 59 15.25 -1.02 17.06
C MET B 59 13.84 -0.76 17.59
N ALA B 60 13.56 0.50 17.99
CA ALA B 60 12.29 0.92 18.55
C ALA B 60 11.18 1.02 17.50
N ASP B 61 9.95 0.64 17.89
CA ASP B 61 8.74 0.69 17.04
C ASP B 61 8.02 2.03 17.22
N TYR B 62 7.74 2.72 16.10
CA TYR B 62 7.09 4.04 16.11
C TYR B 62 5.80 4.09 15.29
N MET B 63 4.87 4.95 15.72
CA MET B 63 3.63 5.22 15.01
C MET B 63 3.71 6.63 14.45
N LEU B 64 3.43 6.78 13.14
CA LEU B 64 3.46 8.06 12.46
C LEU B 64 2.06 8.52 12.15
N LEU B 65 1.73 9.69 12.67
CA LEU B 65 0.39 10.25 12.67
C LEU B 65 0.30 11.66 12.11
N MET B 66 -0.90 12.01 11.66
CA MET B 66 -1.25 13.34 11.19
C MET B 66 -2.62 13.78 11.66
N ASP B 67 -2.69 15.02 12.17
CA ASP B 67 -3.93 15.63 12.62
C ASP B 67 -4.02 17.07 12.12
N PHE B 68 -5.24 17.57 12.05
CA PHE B 68 -5.51 18.91 11.56
C PHE B 68 -6.20 19.70 12.64
N VAL B 69 -5.63 20.85 12.95
CA VAL B 69 -6.07 21.74 14.01
C VAL B 69 -6.52 23.08 13.42
N PRO B 70 -7.66 23.66 13.86
CA PRO B 70 -8.07 24.96 13.31
C PRO B 70 -7.13 26.09 13.72
N VAL B 71 -6.81 26.99 12.77
CA VAL B 71 -5.90 28.13 13.00
C VAL B 71 -6.57 29.19 13.88
N ASP B 72 -7.84 29.54 13.56
CA ASP B 72 -8.64 30.54 14.27
C ASP B 72 -10.12 30.13 14.27
N ASP B 73 -10.97 30.84 15.04
CA ASP B 73 -12.40 30.57 15.07
C ASP B 73 -13.17 31.61 14.24
N LYS B 74 -12.81 31.71 12.95
CA LYS B 74 -13.42 32.63 11.98
C LYS B 74 -13.72 31.92 10.67
N ARG B 75 -14.77 32.35 9.98
CA ARG B 75 -15.15 31.82 8.67
C ARG B 75 -14.63 32.85 7.66
N TYR B 76 -14.06 32.38 6.56
CA TYR B 76 -13.47 33.27 5.56
C TYR B 76 -14.24 33.40 4.26
N ARG B 77 -14.02 34.51 3.58
CA ARG B 77 -14.66 34.87 2.33
C ARG B 77 -13.60 35.50 1.44
N TYR B 78 -13.61 35.13 0.15
CA TYR B 78 -12.64 35.71 -0.79
C TYR B 78 -13.30 36.82 -1.60
N ALA B 79 -12.70 38.02 -1.55
CA ALA B 79 -13.17 39.19 -2.28
C ALA B 79 -12.37 39.32 -3.56
N PHE B 80 -13.02 39.03 -4.71
CA PHE B 80 -12.41 39.07 -6.04
C PHE B 80 -11.99 40.47 -6.49
N HIS B 81 -12.68 41.52 -5.98
CA HIS B 81 -12.40 42.92 -6.28
C HIS B 81 -11.03 43.36 -5.74
N SER B 82 -10.70 42.98 -4.49
CA SER B 82 -9.43 43.30 -3.83
C SER B 82 -8.42 42.15 -3.85
N SER B 83 -8.85 40.94 -4.32
CA SER B 83 -8.08 39.70 -4.40
C SER B 83 -7.40 39.33 -3.06
N SER B 84 -8.22 39.25 -2.00
CA SER B 84 -7.78 38.96 -0.63
C SER B 84 -8.87 38.25 0.19
N TRP B 85 -8.45 37.54 1.25
CA TRP B 85 -9.34 36.84 2.17
C TRP B 85 -9.81 37.77 3.28
N LEU B 86 -11.10 37.71 3.61
CA LEU B 86 -11.73 38.53 4.65
C LEU B 86 -12.57 37.66 5.58
N VAL B 87 -12.77 38.11 6.83
CA VAL B 87 -13.60 37.40 7.81
C VAL B 87 -15.08 37.57 7.41
N ALA B 88 -15.76 36.45 7.11
CA ALA B 88 -17.17 36.45 6.72
C ALA B 88 -18.05 36.52 7.96
N GLY B 89 -17.70 35.71 8.96
CA GLY B 89 -18.39 35.66 10.23
C GLY B 89 -17.67 34.76 11.19
N LYS B 90 -18.37 34.32 12.24
CA LYS B 90 -17.85 33.40 13.25
C LYS B 90 -17.77 32.02 12.60
N ALA B 91 -16.81 31.19 13.06
CA ALA B 91 -16.63 29.83 12.55
C ALA B 91 -17.83 28.94 12.85
N ASP B 92 -18.09 27.99 11.94
CA ASP B 92 -19.13 26.97 12.07
C ASP B 92 -18.70 26.00 13.20
N PRO B 93 -19.59 25.19 13.83
CA PRO B 93 -19.11 24.26 14.88
C PRO B 93 -18.03 23.31 14.35
N ALA B 94 -17.04 22.97 15.21
CA ALA B 94 -15.92 22.08 14.87
C ALA B 94 -16.39 20.78 14.24
N THR B 95 -15.60 20.26 13.29
CA THR B 95 -15.93 19.01 12.60
C THR B 95 -15.59 17.80 13.49
N PRO B 96 -16.31 16.64 13.38
CA PRO B 96 -15.92 15.46 14.19
C PRO B 96 -14.45 15.18 13.92
N GLY B 97 -13.68 15.15 15.00
CA GLY B 97 -12.24 14.95 15.02
C GLY B 97 -11.81 13.63 14.41
N ARG B 98 -10.93 13.71 13.41
CA ARG B 98 -10.39 12.56 12.69
C ARG B 98 -8.88 12.69 12.66
N VAL B 99 -8.23 11.55 12.72
CA VAL B 99 -6.79 11.45 12.70
C VAL B 99 -6.40 10.53 11.53
N HIS B 100 -5.17 10.66 11.02
CA HIS B 100 -4.72 9.79 9.94
C HIS B 100 -3.34 9.23 10.21
N TYR B 101 -3.29 7.92 10.51
CA TYR B 101 -2.05 7.18 10.73
C TYR B 101 -1.44 6.89 9.39
N HIS B 102 -0.12 6.75 9.34
CA HIS B 102 0.52 6.42 8.08
C HIS B 102 0.20 4.94 7.78
N PRO B 103 -0.13 4.56 6.51
CA PRO B 103 -0.43 3.15 6.21
C PRO B 103 0.58 2.11 6.73
N ASP B 104 1.88 2.46 6.76
CA ASP B 104 2.97 1.57 7.23
C ASP B 104 3.14 1.51 8.75
N SER B 105 2.38 2.32 9.50
CA SER B 105 2.44 2.40 10.95
C SER B 105 1.71 1.21 11.65
N PRO B 106 2.31 0.55 12.67
CA PRO B 106 3.64 0.78 13.25
C PRO B 106 4.79 0.12 12.47
N ALA B 107 6.01 0.68 12.61
CA ALA B 107 7.23 0.21 11.97
C ALA B 107 8.45 0.62 12.80
N LYS B 108 9.59 -0.07 12.60
CA LYS B 108 10.85 0.21 13.31
C LYS B 108 11.44 1.57 12.91
N GLY B 109 12.25 2.16 13.80
CA GLY B 109 12.91 3.43 13.59
C GLY B 109 13.80 3.46 12.36
N ALA B 110 14.48 2.32 12.08
CA ALA B 110 15.35 2.14 10.91
C ALA B 110 14.55 2.19 9.60
N GLN B 111 13.31 1.66 9.62
CA GLN B 111 12.41 1.66 8.46
C GLN B 111 11.91 3.06 8.09
N TRP B 112 11.60 3.90 9.10
CA TRP B 112 11.12 5.26 8.90
C TRP B 112 12.22 6.19 8.39
N MET B 113 13.45 6.03 8.92
CA MET B 113 14.62 6.85 8.56
C MET B 113 15.22 6.45 7.20
N LYS B 114 14.92 5.23 6.72
CA LYS B 114 15.38 4.62 5.46
C LYS B 114 15.12 5.46 4.21
N GLN B 115 13.88 5.97 4.08
CA GLN B 115 13.44 6.79 2.95
C GLN B 115 12.48 7.88 3.42
N ILE B 116 12.12 8.83 2.52
CA ILE B 116 11.20 9.90 2.85
C ILE B 116 9.80 9.34 3.11
N VAL B 117 9.16 9.82 4.18
CA VAL B 117 7.82 9.39 4.59
C VAL B 117 6.82 10.33 3.95
N SER B 118 5.92 9.79 3.14
CA SER B 118 4.92 10.58 2.44
C SER B 118 3.51 10.19 2.81
N PHE B 119 2.66 11.20 3.05
CA PHE B 119 1.25 11.00 3.39
C PHE B 119 0.43 11.28 2.14
N ASP B 120 0.68 10.45 1.11
CA ASP B 120 0.04 10.57 -0.19
C ASP B 120 -1.36 9.97 -0.23
N LYS B 121 -1.64 8.97 0.64
CA LYS B 121 -2.95 8.29 0.74
C LYS B 121 -3.99 9.08 1.57
N LEU B 122 -3.59 10.24 2.14
CA LEU B 122 -4.42 11.13 2.97
C LEU B 122 -5.48 11.89 2.13
N LYS B 123 -6.76 11.84 2.59
CA LYS B 123 -7.88 12.51 1.92
C LYS B 123 -8.69 13.43 2.83
N LEU B 124 -9.01 14.63 2.32
CA LEU B 124 -9.81 15.67 2.99
C LEU B 124 -11.23 15.64 2.44
N THR B 125 -12.22 15.72 3.35
CA THR B 125 -13.64 15.68 3.01
C THR B 125 -14.43 16.76 3.78
N ASN B 126 -15.63 17.10 3.28
CA ASN B 126 -16.55 18.06 3.91
C ASN B 126 -17.76 17.32 4.50
N ASN B 127 -17.80 15.98 4.30
CA ASN B 127 -18.87 15.11 4.80
C ASN B 127 -18.66 14.83 6.29
N LEU B 128 -19.59 15.35 7.11
CA LEU B 128 -19.58 15.23 8.57
C LEU B 128 -19.87 13.79 9.04
N LEU B 129 -20.52 12.99 8.18
CA LEU B 129 -20.90 11.61 8.47
C LEU B 129 -19.95 10.54 7.93
N ASP B 130 -18.83 10.94 7.29
CA ASP B 130 -17.85 10.03 6.67
C ASP B 130 -17.35 8.91 7.59
N ASP B 131 -17.20 7.70 7.03
CA ASP B 131 -16.70 6.50 7.72
C ASP B 131 -15.51 5.82 7.01
N ASN B 132 -14.92 6.52 6.03
CA ASN B 132 -13.80 6.05 5.21
C ASN B 132 -12.40 6.42 5.73
N GLY B 133 -12.35 6.90 6.98
CA GLY B 133 -11.13 7.30 7.65
C GLY B 133 -10.50 8.59 7.13
N HIS B 134 -11.26 9.37 6.34
CA HIS B 134 -10.79 10.64 5.79
C HIS B 134 -10.92 11.77 6.80
N ILE B 135 -10.10 12.83 6.65
CA ILE B 135 -10.15 13.99 7.53
C ILE B 135 -11.33 14.89 7.18
N ILE B 136 -12.18 15.18 8.17
CA ILE B 136 -13.35 16.03 7.97
C ILE B 136 -12.93 17.46 8.29
N LEU B 137 -13.16 18.37 7.34
CA LEU B 137 -12.85 19.80 7.42
C LEU B 137 -14.05 20.66 7.00
N ASN B 138 -14.18 21.85 7.60
CA ASN B 138 -15.23 22.81 7.26
C ASN B 138 -14.69 23.72 6.17
N SER B 139 -15.41 23.82 5.06
CA SER B 139 -15.04 24.68 3.94
C SER B 139 -15.09 26.16 4.34
N MET B 140 -14.07 26.93 3.91
CA MET B 140 -13.87 28.37 4.15
C MET B 140 -13.27 28.69 5.53
N HIS B 141 -12.73 27.66 6.20
CA HIS B 141 -12.07 27.74 7.50
C HIS B 141 -10.57 27.41 7.33
N ARG B 142 -9.72 27.97 8.21
CA ARG B 142 -8.26 27.77 8.16
C ARG B 142 -7.79 26.64 9.07
N TYR B 143 -6.97 25.73 8.52
CA TYR B 143 -6.45 24.59 9.25
C TYR B 143 -4.92 24.52 9.24
N GLN B 144 -4.35 23.93 10.30
CA GLN B 144 -2.93 23.73 10.50
C GLN B 144 -2.59 22.23 10.60
N PRO B 145 -1.94 21.66 9.55
CA PRO B 145 -1.56 20.24 9.60
C PRO B 145 -0.44 20.05 10.62
N ARG B 146 -0.59 19.03 11.48
CA ARG B 146 0.42 18.70 12.49
C ARG B 146 0.89 17.28 12.29
N PHE B 147 2.18 17.04 12.48
CA PHE B 147 2.80 15.74 12.31
C PHE B 147 3.26 15.18 13.67
N HIS B 148 2.88 13.92 13.97
CA HIS B 148 3.21 13.28 15.25
C HIS B 148 4.00 11.98 15.12
N VAL B 149 5.07 11.89 15.91
CA VAL B 149 5.93 10.72 16.04
C VAL B 149 5.63 10.16 17.44
N VAL B 150 5.14 8.90 17.50
CA VAL B 150 4.75 8.26 18.76
C VAL B 150 5.53 6.94 18.99
N TYR B 151 6.17 6.79 20.16
CA TYR B 151 6.85 5.54 20.52
C TYR B 151 5.79 4.58 21.01
N VAL B 152 5.77 3.36 20.48
CA VAL B 152 4.78 2.34 20.84
C VAL B 152 5.41 0.97 21.13
N ASP B 153 4.91 0.27 22.16
CA ASP B 153 5.37 -1.07 22.50
C ASP B 153 4.32 -2.12 22.06
N PRO B 154 4.58 -2.86 20.94
CA PRO B 154 3.58 -3.83 20.42
C PRO B 154 3.19 -5.00 21.32
N ARG B 155 4.00 -5.31 22.37
CA ARG B 155 3.70 -6.38 23.33
C ARG B 155 2.55 -6.00 24.28
N LYS B 156 2.28 -4.69 24.41
CA LYS B 156 1.20 -4.13 25.22
C LYS B 156 -0.02 -3.93 24.32
N ASP B 157 -1.17 -4.53 24.70
CA ASP B 157 -2.43 -4.45 23.96
C ASP B 157 -3.06 -3.05 23.93
N SER B 158 -2.69 -2.20 24.92
CA SER B 158 -3.20 -0.84 25.04
C SER B 158 -2.13 0.22 24.81
N GLU B 159 -2.56 1.37 24.26
CA GLU B 159 -1.71 2.54 24.01
C GLU B 159 -2.44 3.80 24.45
N LYS B 160 -1.67 4.79 24.92
CA LYS B 160 -2.16 6.09 25.37
C LYS B 160 -1.06 7.16 25.23
N TYR B 161 -1.41 8.44 25.44
CA TYR B 161 -0.44 9.52 25.36
C TYR B 161 0.01 9.96 26.76
N ALA B 162 1.33 10.02 26.94
CA ALA B 162 2.07 10.46 28.12
C ALA B 162 3.08 11.50 27.62
N GLU B 163 3.62 12.37 28.50
CA GLU B 163 4.56 13.42 28.07
C GLU B 163 5.82 12.95 27.35
N GLU B 164 6.34 11.76 27.71
CA GLU B 164 7.57 11.18 27.15
C GLU B 164 7.44 10.23 25.94
N ASN B 165 6.20 9.90 25.50
CA ASN B 165 6.02 8.95 24.40
C ASN B 165 5.71 9.53 23.01
N PHE B 166 5.54 10.86 22.89
CA PHE B 166 5.25 11.50 21.60
C PHE B 166 5.96 12.83 21.38
N LYS B 167 6.13 13.21 20.11
CA LYS B 167 6.68 14.51 19.70
C LYS B 167 5.83 15.07 18.55
N THR B 168 5.45 16.35 18.66
CA THR B 168 4.63 17.05 17.66
C THR B 168 5.48 18.01 16.84
N PHE B 169 5.28 18.00 15.51
CA PHE B 169 6.02 18.84 14.56
C PHE B 169 5.02 19.65 13.75
N VAL B 170 5.06 20.97 13.92
CA VAL B 170 4.17 21.91 13.24
C VAL B 170 4.99 22.80 12.29
N PHE B 171 4.69 22.69 10.99
CA PHE B 171 5.33 23.51 9.96
C PHE B 171 4.33 24.58 9.57
N GLU B 172 4.59 25.84 9.95
CA GLU B 172 3.72 26.98 9.67
C GLU B 172 3.36 27.18 8.19
N GLU B 173 4.30 26.85 7.27
CA GLU B 173 4.12 26.96 5.81
C GLU B 173 3.09 25.97 5.22
N THR B 174 2.68 24.95 6.00
CA THR B 174 1.69 23.95 5.56
C THR B 174 0.24 24.36 5.85
N ARG B 175 0.02 25.52 6.52
CA ARG B 175 -1.34 26.00 6.82
C ARG B 175 -2.11 26.41 5.56
N PHE B 176 -3.40 26.09 5.52
CA PHE B 176 -4.26 26.29 4.37
C PHE B 176 -5.70 26.58 4.75
N THR B 177 -6.51 26.98 3.75
CA THR B 177 -7.93 27.21 3.85
C THR B 177 -8.60 26.05 3.09
N ALA B 178 -9.57 25.39 3.71
CA ALA B 178 -10.31 24.32 3.04
C ALA B 178 -11.35 25.01 2.13
N VAL B 179 -11.42 24.63 0.83
CA VAL B 179 -12.37 25.21 -0.14
C VAL B 179 -13.06 24.09 -0.93
N THR B 180 -14.20 24.37 -1.60
CA THR B 180 -14.86 23.39 -2.48
C THR B 180 -14.47 23.66 -3.95
N ALA B 181 -14.04 24.89 -4.23
CA ALA B 181 -13.55 25.35 -5.53
C ALA B 181 -12.54 26.45 -5.25
N TYR B 182 -11.48 26.54 -6.07
CA TYR B 182 -10.44 27.55 -5.90
C TYR B 182 -10.98 28.96 -6.06
N GLN B 183 -10.51 29.87 -5.21
CA GLN B 183 -10.90 31.27 -5.18
C GLN B 183 -9.85 32.13 -5.87
N ASN B 184 -8.59 32.00 -5.44
CA ASN B 184 -7.46 32.73 -6.00
C ASN B 184 -7.01 32.00 -7.27
N HIS B 185 -7.11 32.66 -8.43
CA HIS B 185 -6.71 32.06 -9.72
C HIS B 185 -5.22 31.73 -9.76
N ARG B 186 -4.40 32.46 -8.97
CA ARG B 186 -2.96 32.24 -8.84
C ARG B 186 -2.64 30.88 -8.22
N ILE B 187 -3.52 30.41 -7.29
CA ILE B 187 -3.40 29.10 -6.62
C ILE B 187 -3.64 28.00 -7.67
N THR B 188 -4.73 28.13 -8.47
CA THR B 188 -5.09 27.20 -9.55
C THR B 188 -3.91 27.04 -10.53
N GLN B 189 -3.29 28.18 -10.92
CA GLN B 189 -2.14 28.28 -11.83
C GLN B 189 -0.96 27.46 -11.31
N LEU B 190 -0.68 27.56 -10.00
CA LEU B 190 0.41 26.83 -9.35
C LEU B 190 0.11 25.34 -9.22
N LYS B 191 -1.14 24.99 -8.88
CA LYS B 191 -1.61 23.61 -8.78
C LYS B 191 -1.46 22.92 -10.15
N ILE B 192 -1.91 23.59 -11.24
CA ILE B 192 -1.81 23.09 -12.62
C ILE B 192 -0.34 22.89 -13.03
N ALA B 193 0.52 23.90 -12.78
CA ALA B 193 1.94 23.90 -13.12
C ALA B 193 2.81 22.92 -12.34
N SER B 194 2.44 22.58 -11.07
CA SER B 194 3.25 21.67 -10.25
C SER B 194 2.71 20.25 -10.04
N ASN B 195 1.37 20.05 -10.09
CA ASN B 195 0.76 18.73 -9.91
C ASN B 195 0.72 17.97 -11.24
N PRO B 196 1.38 16.78 -11.33
CA PRO B 196 1.36 16.04 -12.61
C PRO B 196 -0.02 15.63 -13.09
N PHE B 197 -0.97 15.34 -12.19
CA PHE B 197 -2.34 14.96 -12.57
C PHE B 197 -3.14 16.07 -13.27
N ALA B 198 -2.66 17.33 -13.17
CA ALA B 198 -3.26 18.50 -13.80
C ALA B 198 -2.47 18.97 -15.03
N LYS B 199 -1.68 18.05 -15.64
CA LYS B 199 -0.87 18.33 -16.83
C LYS B 199 -1.71 18.65 -18.08
N GLY B 200 -2.91 18.07 -18.18
CA GLY B 200 -3.84 18.29 -19.28
C GLY B 200 -4.39 19.69 -19.40
N PHE B 201 -4.20 20.51 -18.34
CA PHE B 201 -4.63 21.91 -18.28
C PHE B 201 -3.49 22.92 -18.56
N ARG B 202 -2.24 22.42 -18.70
CA ARG B 202 -1.07 23.25 -19.00
C ARG B 202 -1.14 23.83 -20.42
N ASP B 203 -0.56 25.05 -20.61
CA ASP B 203 -0.53 25.86 -21.84
C ASP B 203 -1.89 26.49 -22.13
#